data_3C2E
#
_entry.id   3C2E
#
_cell.length_a   154.913
_cell.length_b   154.913
_cell.length_c   68.946
_cell.angle_alpha   90.00
_cell.angle_beta   90.00
_cell.angle_gamma   120.00
#
_symmetry.space_group_name_H-M   'H 3 2'
#
loop_
_entity.id
_entity.type
_entity.pdbx_description
1 polymer 'Nicotinate-nucleotide pyrophosphorylase'
2 water water
#
_entity_poly.entity_id   1
_entity_poly.type   'polypeptide(L)'
_entity_poly.pdbx_seq_one_letter_code
;PVYEHLLPVNGAWRQDVTNWLSEDVPSFDFGGYVVGSDLKEANLYCKQDGMLCGVPFAQEVFNQCELQVEWLFKEGSFLE
PSKNDSGKIVVAKITGPAKNILLAERTALNILSRSSGIATASHKIISLARSTGYKGTIAGTRKTTPGLRRLEKYSMLVGG
CDTHRYDLSSMVMLKDNHIWATGSITNAVKNARAVCGFAVKIEVECLSEDEATEAIEAGADVIMLDNFKGDGLKMCAQSL
KNKWNGKKHFLLECSGGLNLDNLEEYLCDDIDIYSTSSIHQGTPVIDFSLKLAH
;
_entity_poly.pdbx_strand_id   A
#
# COMPACT_ATOMS: atom_id res chain seq x y z
N PRO A 1 0.93 -3.92 -18.24
CA PRO A 1 -0.13 -4.15 -17.24
C PRO A 1 -0.46 -2.89 -16.43
N VAL A 2 -1.64 -2.87 -15.83
CA VAL A 2 -2.08 -1.71 -15.05
C VAL A 2 -2.43 -2.11 -13.63
N TYR A 3 -1.74 -1.52 -12.66
CA TYR A 3 -1.97 -1.83 -11.26
C TYR A 3 -3.43 -1.80 -10.81
N GLU A 4 -4.19 -0.81 -11.29
CA GLU A 4 -5.59 -0.70 -10.88
C GLU A 4 -6.41 -1.94 -11.23
N HIS A 5 -5.93 -2.74 -12.17
CA HIS A 5 -6.65 -3.95 -12.55
C HIS A 5 -6.60 -4.98 -11.42
N LEU A 6 -5.76 -4.75 -10.42
CA LEU A 6 -5.68 -5.66 -9.27
C LEU A 6 -6.98 -5.58 -8.45
N LEU A 7 -7.70 -4.47 -8.58
CA LEU A 7 -8.95 -4.25 -7.88
C LEU A 7 -10.11 -4.82 -8.68
N PRO A 8 -10.93 -5.68 -8.07
CA PRO A 8 -12.08 -6.27 -8.77
C PRO A 8 -13.10 -5.21 -9.17
N VAL A 9 -13.69 -5.35 -10.35
CA VAL A 9 -14.67 -4.39 -10.84
C VAL A 9 -15.63 -4.01 -9.71
N ASN A 10 -16.04 -4.99 -8.93
CA ASN A 10 -16.86 -4.67 -7.78
C ASN A 10 -16.49 -5.59 -6.62
N GLY A 11 -16.66 -5.08 -5.40
CA GLY A 11 -16.32 -5.83 -4.21
C GLY A 11 -16.33 -4.89 -3.02
N ALA A 12 -15.89 -5.40 -1.87
CA ALA A 12 -15.86 -4.65 -0.61
C ALA A 12 -15.16 -3.30 -0.71
N TRP A 13 -14.10 -3.20 -1.49
CA TRP A 13 -13.38 -1.94 -1.57
C TRP A 13 -14.24 -0.74 -2.00
N ARG A 14 -15.25 -0.95 -2.83
CA ARG A 14 -16.09 0.17 -3.24
C ARG A 14 -17.03 0.59 -2.12
N GLN A 15 -17.40 -0.37 -1.27
CA GLN A 15 -18.27 -0.07 -0.15
C GLN A 15 -17.46 0.70 0.88
N ASP A 16 -16.14 0.46 0.91
CA ASP A 16 -15.26 1.17 1.83
C ASP A 16 -15.31 2.66 1.49
N VAL A 17 -15.31 2.97 0.20
CA VAL A 17 -15.35 4.37 -0.23
C VAL A 17 -16.67 4.99 0.24
N THR A 18 -17.76 4.25 0.10
CA THR A 18 -19.05 4.74 0.56
C THR A 18 -19.00 5.02 2.05
N ASN A 19 -18.39 4.11 2.81
CA ASN A 19 -18.31 4.29 4.25
C ASN A 19 -17.40 5.47 4.63
N TRP A 20 -16.42 5.76 3.79
CA TRP A 20 -15.53 6.87 4.08
C TRP A 20 -16.33 8.15 3.89
N LEU A 21 -17.22 8.14 2.90
CA LEU A 21 -18.07 9.30 2.64
C LEU A 21 -19.01 9.53 3.82
N SER A 22 -19.57 8.44 4.36
CA SER A 22 -20.51 8.53 5.49
C SER A 22 -19.82 9.00 6.75
N GLU A 23 -18.54 8.65 6.87
CA GLU A 23 -17.73 9.04 8.01
C GLU A 23 -17.64 10.58 8.06
N ASP A 24 -17.77 11.22 6.90
CA ASP A 24 -17.69 12.67 6.82
C ASP A 24 -19.05 13.37 6.92
N VAL A 25 -20.13 12.65 6.65
CA VAL A 25 -21.46 13.25 6.71
C VAL A 25 -22.46 12.38 7.49
N PRO A 26 -22.44 12.35 8.80
CA PRO A 26 -23.37 11.49 9.52
C PRO A 26 -24.81 12.01 9.55
N SER A 27 -25.02 13.28 9.23
CA SER A 27 -26.34 13.86 9.23
C SER A 27 -26.58 14.65 7.97
N PHE A 28 -25.99 15.79 7.81
CA PHE A 28 -26.32 16.74 6.77
C PHE A 28 -25.03 17.45 6.34
N ASP A 29 -24.97 17.83 5.08
CA ASP A 29 -23.83 18.54 4.54
C ASP A 29 -24.26 19.99 4.41
N PHE A 30 -24.08 20.75 5.48
CA PHE A 30 -24.47 22.15 5.49
C PHE A 30 -23.80 23.00 4.41
N GLY A 31 -22.49 22.78 4.21
CA GLY A 31 -21.76 23.52 3.20
C GLY A 31 -22.29 23.25 1.80
N GLY A 32 -22.77 22.03 1.58
CA GLY A 32 -23.30 21.66 0.29
C GLY A 32 -24.59 22.40 0.01
N TYR A 33 -25.39 22.61 1.05
CA TYR A 33 -26.66 23.32 0.91
C TYR A 33 -26.41 24.76 0.49
N VAL A 34 -25.39 25.37 1.08
CA VAL A 34 -25.09 26.75 0.76
C VAL A 34 -24.41 26.95 -0.60
N VAL A 35 -23.57 25.99 -1.00
CA VAL A 35 -22.86 26.14 -2.26
C VAL A 35 -23.71 25.79 -3.49
N GLY A 36 -24.69 24.92 -3.31
CA GLY A 36 -25.55 24.56 -4.42
C GLY A 36 -25.01 23.55 -5.42
N SER A 37 -25.76 23.33 -6.49
CA SER A 37 -25.40 22.36 -7.51
C SER A 37 -24.92 22.88 -8.87
N ASP A 38 -24.55 24.15 -8.96
CA ASP A 38 -24.07 24.68 -10.24
C ASP A 38 -22.81 23.94 -10.68
N LEU A 39 -22.74 23.57 -11.96
CA LEU A 39 -21.56 22.87 -12.47
C LEU A 39 -20.35 23.77 -12.30
N LYS A 40 -19.24 23.17 -11.85
CA LYS A 40 -18.01 23.90 -11.63
C LYS A 40 -16.84 23.10 -12.18
N GLU A 41 -15.71 23.78 -12.34
CA GLU A 41 -14.49 23.14 -12.81
C GLU A 41 -13.54 23.19 -11.63
N ALA A 42 -12.58 22.27 -11.58
CA ALA A 42 -11.63 22.26 -10.50
C ALA A 42 -10.39 21.46 -10.85
N ASN A 43 -9.27 21.83 -10.24
CA ASN A 43 -8.01 21.15 -10.49
C ASN A 43 -7.50 20.49 -9.21
N LEU A 44 -7.04 19.24 -9.32
CA LEU A 44 -6.47 18.55 -8.18
C LEU A 44 -5.00 18.89 -8.31
N TYR A 45 -4.39 19.38 -7.24
CA TYR A 45 -2.98 19.75 -7.29
C TYR A 45 -2.07 18.91 -6.40
N CYS A 46 -0.92 18.54 -6.94
CA CYS A 46 0.07 17.81 -6.15
C CYS A 46 1.01 18.91 -5.67
N LYS A 47 1.14 19.07 -4.35
CA LYS A 47 2.00 20.11 -3.81
C LYS A 47 3.35 19.70 -3.26
N GLN A 48 3.75 18.46 -3.49
CA GLN A 48 5.04 17.98 -3.02
C GLN A 48 5.60 16.92 -3.95
N ASP A 49 6.92 16.85 -4.04
CA ASP A 49 7.61 15.87 -4.88
C ASP A 49 7.35 14.46 -4.39
N GLY A 50 6.87 13.60 -5.29
CA GLY A 50 6.61 12.22 -4.91
C GLY A 50 5.89 11.45 -6.00
N MET A 51 5.64 10.17 -5.74
CA MET A 51 4.96 9.33 -6.73
C MET A 51 3.45 9.30 -6.52
N LEU A 52 2.73 9.56 -7.60
CA LEU A 52 1.27 9.57 -7.60
C LEU A 52 0.71 8.17 -7.36
N CYS A 53 -0.10 8.02 -6.31
CA CYS A 53 -0.70 6.73 -6.00
C CYS A 53 -2.07 6.86 -5.35
N GLY A 54 -2.95 5.91 -5.67
CA GLY A 54 -4.30 5.91 -5.12
C GLY A 54 -5.35 6.37 -6.10
N VAL A 55 -4.98 6.48 -7.39
CA VAL A 55 -5.89 6.92 -8.44
C VAL A 55 -7.26 6.24 -8.50
N PRO A 56 -7.29 4.90 -8.64
CA PRO A 56 -8.59 4.23 -8.71
C PRO A 56 -9.43 4.39 -7.45
N PHE A 57 -8.80 4.54 -6.29
CA PHE A 57 -9.54 4.74 -5.05
C PHE A 57 -10.16 6.13 -5.07
N ALA A 58 -9.35 7.12 -5.44
CA ALA A 58 -9.84 8.49 -5.52
C ALA A 58 -10.89 8.59 -6.61
N GLN A 59 -10.67 7.87 -7.71
CA GLN A 59 -11.60 7.88 -8.82
C GLN A 59 -12.96 7.35 -8.40
N GLU A 60 -12.97 6.34 -7.53
CA GLU A 60 -14.20 5.76 -7.04
C GLU A 60 -14.96 6.77 -6.19
N VAL A 61 -14.22 7.60 -5.42
CA VAL A 61 -14.85 8.63 -4.61
C VAL A 61 -15.56 9.58 -5.58
N PHE A 62 -14.85 10.00 -6.62
CA PHE A 62 -15.40 10.91 -7.63
C PHE A 62 -16.59 10.31 -8.34
N ASN A 63 -16.54 9.00 -8.61
CA ASN A 63 -17.64 8.32 -9.28
C ASN A 63 -18.89 8.37 -8.41
N GLN A 64 -18.74 7.97 -7.15
CA GLN A 64 -19.87 7.95 -6.24
C GLN A 64 -20.41 9.35 -5.98
N CYS A 65 -19.55 10.35 -6.10
CA CYS A 65 -20.00 11.71 -5.91
C CYS A 65 -20.49 12.28 -7.25
N GLU A 66 -20.58 11.40 -8.23
CA GLU A 66 -21.08 11.75 -9.57
C GLU A 66 -20.39 12.92 -10.26
N LEU A 67 -19.07 12.84 -10.36
CA LEU A 67 -18.26 13.86 -11.00
C LEU A 67 -17.59 13.29 -12.23
N GLN A 68 -17.05 14.18 -13.06
CA GLN A 68 -16.33 13.79 -14.27
C GLN A 68 -14.87 14.19 -14.08
N VAL A 69 -13.96 13.23 -14.23
CA VAL A 69 -12.56 13.51 -14.00
C VAL A 69 -11.61 13.12 -15.11
N GLU A 70 -10.59 13.95 -15.31
CA GLU A 70 -9.57 13.68 -16.31
C GLU A 70 -8.22 13.69 -15.62
N TRP A 71 -7.63 12.51 -15.46
CA TRP A 71 -6.32 12.41 -14.82
C TRP A 71 -5.26 12.83 -15.84
N LEU A 72 -4.34 13.70 -15.42
CA LEU A 72 -3.30 14.21 -16.30
C LEU A 72 -2.03 13.37 -16.28
N PHE A 73 -1.94 12.45 -15.32
CA PHE A 73 -0.78 11.58 -15.23
C PHE A 73 -1.22 10.15 -14.91
N LYS A 74 -0.37 9.20 -15.28
CA LYS A 74 -0.62 7.79 -15.02
C LYS A 74 -0.25 7.53 -13.57
N GLU A 75 -0.96 6.61 -12.92
CA GLU A 75 -0.65 6.29 -11.55
C GLU A 75 0.79 5.78 -11.56
N GLY A 76 1.55 6.14 -10.53
CA GLY A 76 2.94 5.71 -10.48
C GLY A 76 3.90 6.76 -11.02
N SER A 77 3.38 7.72 -11.78
CA SER A 77 4.22 8.78 -12.32
C SER A 77 4.89 9.55 -11.19
N PHE A 78 6.17 9.87 -11.33
CA PHE A 78 6.84 10.64 -10.28
C PHE A 78 6.64 12.13 -10.57
N LEU A 79 5.97 12.81 -9.66
CA LEU A 79 5.68 14.23 -9.84
C LEU A 79 6.67 15.13 -9.09
N GLU A 80 7.05 16.22 -9.75
CA GLU A 80 7.99 17.14 -9.15
C GLU A 80 7.55 18.59 -9.22
N PRO A 81 6.64 18.93 -8.33
CA PRO A 81 6.14 20.29 -8.26
C PRO A 81 7.24 21.37 -8.03
N SER A 82 8.33 21.00 -7.44
CA SER A 82 9.36 21.97 -7.12
C SER A 82 10.13 22.34 -8.36
N LYS A 83 9.96 21.63 -9.43
CA LYS A 83 10.43 22.15 -10.70
C LYS A 83 9.61 23.30 -11.20
N ASN A 84 8.66 23.74 -10.40
CA ASN A 84 7.60 24.68 -10.72
C ASN A 84 7.94 26.06 -10.26
N ASP A 85 7.25 26.99 -10.91
CA ASP A 85 7.24 28.38 -10.57
C ASP A 85 6.30 28.43 -9.44
N SER A 86 5.12 27.90 -9.68
CA SER A 86 4.01 27.90 -8.76
C SER A 86 4.12 27.01 -7.56
N GLY A 87 4.87 25.94 -7.66
CA GLY A 87 5.10 24.99 -6.59
C GLY A 87 4.08 23.85 -6.56
N LYS A 88 3.36 23.69 -7.66
CA LYS A 88 2.36 22.63 -7.73
C LYS A 88 2.07 22.19 -9.16
N ILE A 89 1.55 20.98 -9.27
CA ILE A 89 1.20 20.39 -10.56
C ILE A 89 -0.23 19.87 -10.52
N VAL A 90 -1.01 20.19 -11.54
CA VAL A 90 -2.38 19.72 -11.62
C VAL A 90 -2.32 18.30 -12.17
N VAL A 91 -2.80 17.34 -11.39
CA VAL A 91 -2.78 15.95 -11.81
C VAL A 91 -4.16 15.51 -12.26
N ALA A 92 -5.15 16.37 -12.10
CA ALA A 92 -6.50 16.04 -12.53
C ALA A 92 -7.39 17.26 -12.66
N LYS A 93 -8.32 17.18 -13.60
CA LYS A 93 -9.28 18.22 -13.87
C LYS A 93 -10.66 17.62 -13.55
N ILE A 94 -11.40 18.25 -12.64
CA ILE A 94 -12.71 17.74 -12.24
C ILE A 94 -13.87 18.68 -12.57
N THR A 95 -14.99 18.10 -12.98
CA THR A 95 -16.18 18.88 -13.30
C THR A 95 -17.42 18.22 -12.72
N GLY A 96 -18.33 19.04 -12.19
CA GLY A 96 -19.56 18.52 -11.64
C GLY A 96 -20.26 19.55 -10.76
N PRO A 97 -21.38 19.18 -10.12
CA PRO A 97 -22.08 20.13 -9.26
C PRO A 97 -21.15 20.58 -8.14
N ALA A 98 -21.16 21.87 -7.84
CA ALA A 98 -20.30 22.41 -6.80
C ALA A 98 -20.34 21.61 -5.50
N LYS A 99 -21.53 21.32 -5.00
CA LYS A 99 -21.66 20.57 -3.75
C LYS A 99 -20.97 19.20 -3.81
N ASN A 100 -21.15 18.50 -4.92
CA ASN A 100 -20.58 17.17 -5.10
C ASN A 100 -19.05 17.24 -5.06
N ILE A 101 -18.48 18.22 -5.76
CA ILE A 101 -17.03 18.38 -5.78
C ILE A 101 -16.51 18.60 -4.36
N LEU A 102 -17.14 19.53 -3.63
CA LEU A 102 -16.71 19.84 -2.27
C LEU A 102 -16.95 18.71 -1.28
N LEU A 103 -17.84 17.78 -1.64
CA LEU A 103 -18.13 16.63 -0.79
C LEU A 103 -16.99 15.61 -0.95
N ALA A 104 -16.60 15.39 -2.20
CA ALA A 104 -15.55 14.44 -2.56
C ALA A 104 -14.16 14.87 -2.12
N GLU A 105 -13.91 16.17 -2.18
CA GLU A 105 -12.60 16.74 -1.85
C GLU A 105 -11.63 16.40 -0.72
N ARG A 106 -12.13 16.36 0.50
CA ARG A 106 -11.36 15.87 1.63
C ARG A 106 -11.07 14.38 1.64
N THR A 107 -12.09 13.55 1.44
CA THR A 107 -11.89 12.10 1.42
C THR A 107 -10.93 11.66 0.30
N ALA A 108 -11.14 12.20 -0.89
CA ALA A 108 -10.29 11.86 -2.03
C ALA A 108 -8.84 12.26 -1.78
N LEU A 109 -8.64 13.43 -1.20
CA LEU A 109 -7.30 13.93 -0.91
C LEU A 109 -6.62 13.16 0.20
N ASN A 110 -7.41 12.67 1.16
CA ASN A 110 -6.88 11.89 2.28
C ASN A 110 -6.36 10.57 1.73
N ILE A 111 -6.99 10.09 0.66
CA ILE A 111 -6.58 8.86 0.00
C ILE A 111 -5.26 9.10 -0.73
N LEU A 112 -5.26 10.09 -1.62
CA LEU A 112 -4.08 10.42 -2.42
C LEU A 112 -2.83 10.74 -1.58
N SER A 113 -2.97 11.62 -0.60
CA SER A 113 -1.84 11.99 0.24
C SER A 113 -1.17 10.79 0.91
N ARG A 114 -1.99 9.91 1.48
CA ARG A 114 -1.46 8.73 2.15
C ARG A 114 -0.99 7.66 1.19
N SER A 115 -1.74 7.42 0.13
CA SER A 115 -1.36 6.39 -0.82
C SER A 115 -0.03 6.79 -1.47
N SER A 116 0.06 8.02 -1.94
CA SER A 116 1.29 8.51 -2.56
C SER A 116 2.45 8.48 -1.56
N GLY A 117 2.16 8.82 -0.32
CA GLY A 117 3.20 8.79 0.70
C GLY A 117 3.83 7.41 0.80
N ILE A 118 2.99 6.38 0.89
CA ILE A 118 3.47 5.01 0.98
C ILE A 118 4.24 4.63 -0.30
N ALA A 119 3.69 4.97 -1.46
CA ALA A 119 4.34 4.66 -2.72
C ALA A 119 5.71 5.33 -2.80
N THR A 120 5.75 6.61 -2.43
CA THR A 120 6.98 7.38 -2.46
C THR A 120 8.04 6.83 -1.51
N ALA A 121 7.63 6.48 -0.30
CA ALA A 121 8.56 5.90 0.65
C ALA A 121 8.99 4.53 0.15
N SER A 122 8.06 3.79 -0.46
CA SER A 122 8.37 2.48 -0.97
C SER A 122 9.37 2.57 -2.11
N HIS A 123 9.09 3.44 -3.08
CA HIS A 123 9.98 3.60 -4.22
C HIS A 123 11.37 4.11 -3.84
N LYS A 124 11.41 4.95 -2.83
CA LYS A 124 12.66 5.52 -2.37
C LYS A 124 13.55 4.45 -1.77
N ILE A 125 12.96 3.57 -0.95
CA ILE A 125 13.73 2.53 -0.31
C ILE A 125 14.19 1.44 -1.27
N ILE A 126 13.37 1.13 -2.28
CA ILE A 126 13.77 0.08 -3.23
C ILE A 126 14.77 0.60 -4.27
N SER A 127 14.58 1.83 -4.73
CA SER A 127 15.50 2.38 -5.71
C SER A 127 16.84 2.52 -4.99
N LEU A 128 16.79 2.82 -3.70
CA LEU A 128 18.01 2.96 -2.92
C LEU A 128 18.69 1.59 -2.83
N ALA A 129 17.93 0.57 -2.47
CA ALA A 129 18.49 -0.78 -2.36
C ALA A 129 19.03 -1.21 -3.72
N ARG A 130 18.29 -0.88 -4.77
CA ARG A 130 18.68 -1.23 -6.13
C ARG A 130 20.02 -0.60 -6.54
N SER A 131 20.27 0.62 -6.04
CA SER A 131 21.50 1.34 -6.38
C SER A 131 22.80 0.68 -5.92
N THR A 132 22.73 -0.17 -4.90
CA THR A 132 23.92 -0.84 -4.39
C THR A 132 24.19 -2.11 -5.16
N GLY A 133 23.35 -2.42 -6.14
CA GLY A 133 23.52 -3.63 -6.91
C GLY A 133 22.75 -4.78 -6.30
N TYR A 134 21.93 -4.49 -5.28
CA TYR A 134 21.14 -5.53 -4.64
C TYR A 134 20.11 -6.02 -5.64
N LYS A 135 19.97 -7.34 -5.75
CA LYS A 135 19.02 -7.92 -6.70
C LYS A 135 17.82 -8.57 -6.03
N GLY A 136 17.83 -8.60 -4.70
CA GLY A 136 16.73 -9.20 -3.98
C GLY A 136 15.49 -8.33 -3.93
N THR A 137 14.63 -8.57 -2.94
CA THR A 137 13.41 -7.79 -2.81
C THR A 137 13.28 -7.11 -1.46
N ILE A 138 12.60 -5.97 -1.46
CA ILE A 138 12.34 -5.22 -0.25
C ILE A 138 10.83 -5.42 -0.07
N ALA A 139 10.44 -5.97 1.08
CA ALA A 139 9.04 -6.24 1.34
C ALA A 139 8.44 -5.46 2.48
N GLY A 140 7.10 -5.38 2.49
CA GLY A 140 6.39 -4.68 3.52
C GLY A 140 6.08 -5.63 4.67
N THR A 141 5.10 -5.28 5.48
CA THR A 141 4.71 -6.08 6.63
C THR A 141 3.19 -6.06 6.83
N ARG A 142 2.74 -6.57 7.97
CA ARG A 142 1.32 -6.58 8.33
C ARG A 142 1.01 -5.46 9.33
N LYS A 143 1.97 -4.57 9.53
CA LYS A 143 1.79 -3.45 10.46
C LYS A 143 1.13 -2.30 9.72
N THR A 144 0.01 -2.61 9.07
CA THR A 144 -0.74 -1.64 8.29
C THR A 144 -1.81 -0.94 9.13
N THR A 145 -2.38 0.13 8.61
CA THR A 145 -3.39 0.84 9.37
C THR A 145 -4.71 0.07 9.32
N PRO A 146 -5.30 -0.18 10.48
CA PRO A 146 -6.56 -0.91 10.62
C PRO A 146 -7.64 -0.39 9.65
N GLY A 147 -8.12 -1.29 8.79
CA GLY A 147 -9.15 -0.91 7.84
C GLY A 147 -8.65 -0.41 6.50
N LEU A 148 -7.39 -0.02 6.44
CA LEU A 148 -6.82 0.50 5.21
C LEU A 148 -5.77 -0.43 4.60
N ARG A 149 -5.81 -1.71 4.95
CA ARG A 149 -4.81 -2.64 4.44
C ARG A 149 -4.78 -2.76 2.92
N ARG A 150 -5.94 -2.85 2.29
CA ARG A 150 -5.98 -3.01 0.84
C ARG A 150 -5.27 -1.83 0.17
N LEU A 151 -5.60 -0.61 0.59
CA LEU A 151 -5.00 0.58 0.02
C LEU A 151 -3.49 0.68 0.23
N GLU A 152 -3.03 0.36 1.43
CA GLU A 152 -1.60 0.47 1.75
C GLU A 152 -0.74 -0.58 1.03
N LYS A 153 -1.28 -1.78 0.87
CA LYS A 153 -0.58 -2.86 0.20
C LYS A 153 -0.49 -2.49 -1.28
N TYR A 154 -1.60 -1.99 -1.82
CA TYR A 154 -1.66 -1.58 -3.21
C TYR A 154 -0.58 -0.52 -3.45
N SER A 155 -0.46 0.41 -2.52
CA SER A 155 0.53 1.48 -2.62
C SER A 155 1.95 0.93 -2.60
N MET A 156 2.17 -0.10 -1.79
CA MET A 156 3.48 -0.73 -1.72
C MET A 156 3.85 -1.24 -3.12
N LEU A 157 2.91 -1.93 -3.76
CA LEU A 157 3.15 -2.46 -5.10
C LEU A 157 3.50 -1.38 -6.09
N VAL A 158 2.70 -0.31 -6.10
CA VAL A 158 2.92 0.79 -7.01
C VAL A 158 4.33 1.36 -6.79
N GLY A 159 4.71 1.50 -5.52
CA GLY A 159 6.02 2.02 -5.19
C GLY A 159 7.15 1.09 -5.62
N GLY A 160 6.80 -0.09 -6.13
CA GLY A 160 7.83 -1.02 -6.58
C GLY A 160 8.33 -2.03 -5.57
N CYS A 161 7.74 -2.09 -4.40
CA CYS A 161 8.12 -3.03 -3.40
C CYS A 161 7.24 -4.29 -3.39
N ASP A 162 7.72 -5.33 -2.74
CA ASP A 162 6.95 -6.51 -2.49
C ASP A 162 6.08 -6.23 -1.30
N THR A 163 4.89 -6.77 -1.34
CA THR A 163 3.83 -6.60 -0.40
C THR A 163 4.05 -7.50 0.82
N HIS A 164 4.73 -8.60 0.61
CA HIS A 164 4.83 -9.62 1.59
C HIS A 164 3.42 -10.23 1.76
N ARG A 165 3.23 -11.07 2.73
CA ARG A 165 1.97 -11.76 2.95
C ARG A 165 0.88 -10.75 3.23
N TYR A 166 -0.29 -10.91 2.65
CA TYR A 166 -1.37 -9.99 2.88
C TYR A 166 -1.95 -10.06 4.28
N ASP A 167 -2.23 -11.25 4.78
CA ASP A 167 -2.85 -11.48 6.05
C ASP A 167 -2.48 -12.82 6.71
N LEU A 168 -3.12 -13.18 7.78
CA LEU A 168 -2.91 -14.45 8.50
C LEU A 168 -3.43 -15.68 7.73
N SER A 169 -4.11 -15.43 6.63
CA SER A 169 -4.67 -16.49 5.84
C SER A 169 -3.82 -16.81 4.62
N SER A 170 -2.75 -16.07 4.44
CA SER A 170 -2.06 -15.96 3.17
C SER A 170 -0.82 -16.81 2.85
N MET A 171 0.17 -16.77 3.70
CA MET A 171 1.36 -17.56 3.65
C MET A 171 1.56 -17.76 5.12
N VAL A 172 1.82 -18.95 5.58
CA VAL A 172 1.91 -19.23 7.00
C VAL A 172 3.26 -18.76 7.55
N MET A 173 3.25 -18.23 8.77
CA MET A 173 4.51 -17.79 9.39
C MET A 173 4.67 -18.38 10.77
N LEU A 174 5.57 -19.34 10.89
CA LEU A 174 5.83 -20.02 12.15
C LEU A 174 6.98 -19.40 12.93
N LYS A 175 6.80 -19.32 14.25
CA LYS A 175 7.83 -18.78 15.13
C LYS A 175 8.12 -19.75 16.26
N ASP A 176 8.83 -19.25 17.26
CA ASP A 176 9.18 -20.03 18.43
C ASP A 176 7.91 -20.61 19.06
N ASN A 177 6.93 -19.75 19.31
CA ASN A 177 5.66 -20.16 19.92
C ASN A 177 5.04 -21.34 19.17
N HIS A 178 5.12 -21.32 17.85
CA HIS A 178 4.55 -22.39 17.04
C HIS A 178 5.41 -23.65 17.05
N ILE A 179 6.73 -23.48 17.02
CA ILE A 179 7.64 -24.63 17.01
C ILE A 179 7.64 -25.49 18.28
N TRP A 180 7.70 -24.88 19.46
CA TRP A 180 7.68 -25.70 20.67
C TRP A 180 6.24 -26.04 21.06
N ALA A 181 5.29 -25.42 20.37
CA ALA A 181 3.89 -25.71 20.66
C ALA A 181 3.60 -27.11 20.09
N THR A 182 4.29 -27.44 19.00
CA THR A 182 4.12 -28.72 18.33
C THR A 182 5.21 -29.71 18.74
N GLY A 183 6.33 -29.19 19.22
CA GLY A 183 7.43 -30.05 19.63
C GLY A 183 8.73 -29.75 18.91
N SER A 184 8.64 -29.54 17.60
CA SER A 184 9.81 -29.25 16.79
C SER A 184 9.44 -28.49 15.51
N ILE A 185 10.42 -27.79 14.95
CA ILE A 185 10.20 -27.04 13.72
C ILE A 185 9.55 -27.98 12.71
N THR A 186 9.99 -29.24 12.73
CA THR A 186 9.45 -30.24 11.83
C THR A 186 7.97 -30.48 12.13
N ASN A 187 7.61 -30.49 13.41
CA ASN A 187 6.22 -30.70 13.77
C ASN A 187 5.39 -29.46 13.43
N ALA A 188 5.95 -28.28 13.70
CA ALA A 188 5.27 -27.04 13.40
C ALA A 188 4.99 -26.97 11.91
N VAL A 189 6.01 -27.19 11.10
CA VAL A 189 5.87 -27.16 9.65
C VAL A 189 4.86 -28.19 9.15
N LYS A 190 4.92 -29.40 9.68
CA LYS A 190 4.00 -30.46 9.26
C LYS A 190 2.54 -30.11 9.56
N ASN A 191 2.26 -29.67 10.79
CA ASN A 191 0.90 -29.30 11.15
C ASN A 191 0.43 -28.16 10.26
N ALA A 192 1.30 -27.17 10.07
CA ALA A 192 0.95 -26.04 9.22
C ALA A 192 0.67 -26.53 7.81
N ARG A 193 1.50 -27.44 7.32
CA ARG A 193 1.35 -27.99 5.98
C ARG A 193 0.08 -28.84 5.89
N ALA A 194 -0.28 -29.47 7.00
CA ALA A 194 -1.48 -30.31 7.08
C ALA A 194 -2.77 -29.51 6.83
N VAL A 195 -2.73 -28.20 7.07
CA VAL A 195 -3.92 -27.38 6.86
C VAL A 195 -3.86 -26.35 5.74
N CYS A 196 -2.68 -25.82 5.43
CA CYS A 196 -2.59 -24.86 4.35
C CYS A 196 -2.47 -25.57 3.02
N GLY A 197 -2.00 -26.82 3.05
CA GLY A 197 -1.88 -27.59 1.83
C GLY A 197 -0.75 -27.14 0.91
N PHE A 198 -0.78 -27.61 -0.33
CA PHE A 198 0.27 -27.27 -1.28
C PHE A 198 0.22 -25.85 -1.84
N ALA A 199 -0.98 -25.30 -1.96
CA ALA A 199 -1.16 -23.97 -2.54
C ALA A 199 -0.55 -22.77 -1.81
N VAL A 200 -0.18 -22.93 -0.54
CA VAL A 200 0.39 -21.79 0.17
C VAL A 200 1.73 -22.10 0.84
N LYS A 201 2.63 -21.12 0.80
CA LYS A 201 3.96 -21.26 1.37
C LYS A 201 3.96 -21.21 2.89
N ILE A 202 5.01 -21.76 3.48
CA ILE A 202 5.19 -21.77 4.92
C ILE A 202 6.57 -21.15 5.17
N GLU A 203 6.59 -20.15 6.03
CA GLU A 203 7.82 -19.47 6.37
C GLU A 203 8.11 -19.72 7.84
N VAL A 204 9.35 -20.06 8.15
CA VAL A 204 9.74 -20.32 9.53
C VAL A 204 10.86 -19.40 9.98
N GLU A 205 10.64 -18.75 11.12
CA GLU A 205 11.62 -17.85 11.70
C GLU A 205 12.66 -18.73 12.39
N CYS A 206 13.89 -18.70 11.88
CA CYS A 206 14.97 -19.50 12.45
C CYS A 206 16.06 -18.63 13.06
N LEU A 207 16.51 -18.99 14.25
CA LEU A 207 17.55 -18.24 14.93
C LEU A 207 18.90 -18.95 14.84
N SER A 208 18.86 -20.28 14.82
CA SER A 208 20.07 -21.08 14.73
C SER A 208 20.27 -21.61 13.32
N GLU A 209 21.34 -22.39 13.13
CA GLU A 209 21.66 -22.96 11.83
C GLU A 209 21.08 -24.37 11.70
N ASP A 210 20.82 -25.00 12.84
CA ASP A 210 20.29 -26.34 12.84
C ASP A 210 18.75 -26.14 13.00
N GLU A 211 18.34 -24.88 13.27
CA GLU A 211 16.95 -24.41 13.37
C GLU A 211 16.41 -24.10 12.01
N ALA A 212 17.22 -24.32 11.00
CA ALA A 212 16.93 -23.90 9.63
C ALA A 212 17.11 -24.92 8.53
N THR A 213 17.99 -25.90 8.76
CA THR A 213 18.13 -27.03 7.85
C THR A 213 17.00 -28.02 8.08
N GLU A 214 16.50 -28.04 9.31
CA GLU A 214 15.39 -28.91 9.66
C GLU A 214 14.16 -28.35 8.98
N ALA A 215 13.95 -27.05 9.12
CA ALA A 215 12.81 -26.39 8.49
C ALA A 215 12.86 -26.63 6.99
N ILE A 216 14.06 -26.47 6.42
CA ILE A 216 14.24 -26.69 5.00
C ILE A 216 13.94 -28.16 4.68
N GLU A 217 14.27 -29.03 5.61
CA GLU A 217 14.03 -30.46 5.43
C GLU A 217 12.55 -30.79 5.64
N ALA A 218 11.89 -30.01 6.49
CA ALA A 218 10.47 -30.21 6.75
C ALA A 218 9.64 -29.79 5.54
N GLY A 219 10.23 -28.94 4.69
CA GLY A 219 9.54 -28.49 3.50
C GLY A 219 9.20 -27.01 3.52
N ALA A 220 9.73 -26.27 4.48
CA ALA A 220 9.47 -24.84 4.58
C ALA A 220 9.87 -24.15 3.29
N ASP A 221 9.09 -23.18 2.86
CA ASP A 221 9.37 -22.45 1.63
C ASP A 221 10.24 -21.21 1.83
N VAL A 222 10.17 -20.61 3.02
CA VAL A 222 10.92 -19.41 3.32
C VAL A 222 11.47 -19.46 4.75
N ILE A 223 12.70 -19.01 4.93
CA ILE A 223 13.33 -19.01 6.26
C ILE A 223 13.74 -17.59 6.65
N MET A 224 13.35 -17.22 7.85
CA MET A 224 13.64 -15.93 8.39
C MET A 224 14.68 -16.02 9.50
N LEU A 225 15.62 -15.09 9.49
CA LEU A 225 16.67 -15.06 10.50
C LEU A 225 16.32 -14.08 11.62
N ASP A 226 15.45 -13.13 11.31
CA ASP A 226 15.03 -12.14 12.30
C ASP A 226 15.94 -11.19 13.07
N ASN A 227 17.02 -10.76 12.42
CA ASN A 227 17.97 -9.85 13.05
C ASN A 227 19.00 -10.85 13.59
N HIS A 249 13.20 -23.28 -4.51
CA HIS A 249 13.27 -24.30 -3.46
C HIS A 249 12.98 -23.71 -2.09
N PHE A 250 13.74 -22.67 -1.73
CA PHE A 250 13.52 -21.98 -0.47
C PHE A 250 14.24 -20.64 -0.52
N LEU A 251 13.59 -19.61 -0.01
CA LEU A 251 14.15 -18.27 0.00
C LEU A 251 14.60 -17.88 1.39
N LEU A 252 15.43 -16.85 1.47
CA LEU A 252 15.94 -16.36 2.76
C LEU A 252 15.49 -14.93 3.01
N GLU A 253 14.98 -14.66 4.20
CA GLU A 253 14.52 -13.32 4.54
C GLU A 253 15.18 -12.77 5.79
N CYS A 254 15.39 -11.45 5.79
CA CYS A 254 15.99 -10.78 6.94
C CYS A 254 14.99 -9.75 7.46
N SER A 255 14.62 -9.91 8.72
CA SER A 255 13.67 -9.01 9.37
C SER A 255 14.41 -8.06 10.30
N GLY A 256 14.43 -6.81 9.89
CA GLY A 256 14.88 -5.71 10.73
C GLY A 256 14.83 -4.41 9.93
N GLY A 257 15.54 -4.42 8.83
CA GLY A 257 15.62 -3.25 8.02
C GLY A 257 16.82 -2.55 8.58
N LEU A 258 16.60 -1.44 9.25
CA LEU A 258 17.73 -0.62 9.55
C LEU A 258 18.15 -0.28 8.14
N ASN A 259 19.22 0.46 7.97
CA ASN A 259 19.76 0.67 6.63
C ASN A 259 21.24 0.67 6.51
N LEU A 260 21.70 0.85 5.28
CA LEU A 260 23.10 1.05 5.02
C LEU A 260 23.92 -0.13 5.56
N LEU A 267 24.86 -3.64 4.81
CA LEU A 267 23.98 -4.61 5.43
C LEU A 267 23.44 -5.60 4.40
N CYS A 268 23.35 -5.15 3.15
CA CYS A 268 22.85 -5.99 2.07
C CYS A 268 23.87 -7.06 1.69
N ASP A 269 23.48 -8.32 1.83
CA ASP A 269 24.35 -9.44 1.49
C ASP A 269 23.99 -10.34 0.31
N ASP A 270 23.16 -11.35 0.57
CA ASP A 270 22.60 -12.18 -0.48
C ASP A 270 21.29 -12.83 -0.04
N ILE A 271 20.61 -12.18 0.90
CA ILE A 271 19.35 -12.68 1.41
C ILE A 271 18.42 -12.40 0.23
N ASP A 272 17.28 -13.08 0.18
CA ASP A 272 16.34 -12.86 -0.93
C ASP A 272 15.35 -11.76 -0.60
N ILE A 273 15.01 -11.66 0.67
CA ILE A 273 14.04 -10.68 1.11
C ILE A 273 14.46 -9.89 2.34
N TYR A 274 14.28 -8.58 2.26
CA TYR A 274 14.56 -7.68 3.37
C TYR A 274 13.21 -6.99 3.62
N SER A 275 12.68 -7.16 4.83
CA SER A 275 11.39 -6.57 5.17
C SER A 275 11.50 -5.33 6.05
N THR A 276 10.60 -4.38 5.81
CA THR A 276 10.58 -3.13 6.57
C THR A 276 9.20 -2.50 6.59
N SER A 277 8.77 -2.08 7.77
CA SER A 277 7.50 -1.42 7.93
C SER A 277 7.75 0.03 7.57
N SER A 278 9.02 0.36 7.32
CA SER A 278 9.42 1.72 6.97
C SER A 278 8.84 2.20 5.66
N ILE A 279 8.60 1.30 4.72
CA ILE A 279 8.03 1.71 3.45
C ILE A 279 6.54 2.04 3.55
N HIS A 280 5.90 1.74 4.69
CA HIS A 280 4.47 2.02 4.79
C HIS A 280 3.90 2.53 6.11
N GLN A 281 4.56 2.25 7.22
CA GLN A 281 4.07 2.71 8.52
C GLN A 281 4.81 3.95 9.02
N GLY A 282 4.07 4.88 9.64
CA GLY A 282 4.67 6.10 10.16
C GLY A 282 5.32 6.90 9.05
N THR A 283 4.74 6.74 7.86
CA THR A 283 5.20 7.37 6.65
C THR A 283 4.65 8.79 6.39
N PRO A 284 5.49 9.70 5.88
CA PRO A 284 5.06 11.07 5.59
C PRO A 284 4.12 11.04 4.37
N VAL A 285 3.16 11.96 4.36
CA VAL A 285 2.19 12.07 3.29
C VAL A 285 2.67 13.04 2.21
N ILE A 286 2.10 12.92 1.01
CA ILE A 286 2.41 13.84 -0.09
C ILE A 286 1.21 14.79 -0.15
N ASP A 287 1.45 16.08 0.04
CA ASP A 287 0.35 17.05 0.04
C ASP A 287 -0.33 17.32 -1.30
N PHE A 288 -1.65 17.15 -1.32
CA PHE A 288 -2.45 17.43 -2.51
C PHE A 288 -3.48 18.48 -2.14
N SER A 289 -4.09 19.10 -3.14
CA SER A 289 -5.09 20.13 -2.88
C SER A 289 -6.11 20.12 -4.01
N LEU A 290 -7.19 20.86 -3.82
CA LEU A 290 -8.25 20.93 -4.83
C LEU A 290 -8.89 22.31 -4.75
N LYS A 291 -9.01 22.97 -5.89
CA LYS A 291 -9.59 24.31 -5.92
C LYS A 291 -10.48 24.49 -7.13
N LEU A 292 -11.68 25.04 -6.90
CA LEU A 292 -12.63 25.30 -7.98
C LEU A 292 -12.17 26.52 -8.76
N ALA A 293 -12.45 26.55 -10.06
CA ALA A 293 -12.04 27.66 -10.92
C ALA A 293 -13.22 28.62 -10.96
N HIS A 294 -13.08 29.68 -11.77
CA HIS A 294 -13.86 30.91 -11.75
C HIS A 294 -13.10 32.07 -11.10
#